data_3LCD
#
_entry.id   3LCD
#
_cell.length_a   57.649
_cell.length_b   74.125
_cell.length_c   91.024
_cell.angle_alpha   90.00
_cell.angle_beta   90.00
_cell.angle_gamma   90.00
#
_symmetry.space_group_name_H-M   'P 21 21 21'
#
loop_
_entity.id
_entity.type
_entity.pdbx_description
1 polymer 'Macrophage colony-stimulating factor 1 receptor'
2 non-polymer 'SULFATE ION'
3 non-polymer N~3~-(2,6-dichlorobenzyl)-5-(4-{[(2R)-2-(pyrrolidin-1-ylmethyl)pyrrolidin-1-yl]carbonyl}phenyl)pyrazine-2,3-diamine
4 water water
#
_entity_poly.entity_id   1
_entity_poly.type   'polypeptide(L)'
_entity_poly.pdbx_seq_one_letter_code
;GVDYKYKQKPKYQVRWKIIESYEGNSYTFIDPTQLPYNEKWEFPRNNLQFGKTLGAGAFGKVVEATAFGLGKEDAVLKVA
VKMLKSTAHADEKEALMSELKIMSHLGQHENIVNLLGACTHGGPVLVITEYCCYGDLLNFLRRKAEADLDKEDGRPLELR
DLLHFSSQVAQGMAFLASKNCIHRDVAARNVLLTNGHVAKIGDFGLARDIMNDSNYIVKGNARLPVKWMAPESIFDCVYT
VQSDVWSYGILLWEIFSLGLNPYPGILVNSKFYKLVKDGYQMAQPAFAPKNIYSIMQACWALEPTHRPTFQQICSFLQEQ
AQEDRRERD
;
_entity_poly.pdbx_strand_id   A
#
# COMPACT_ATOMS: atom_id res chain seq x y z
N GLY A 24 17.66 -15.25 -28.99
CA GLY A 24 17.56 -16.06 -27.73
C GLY A 24 16.20 -16.76 -27.60
N ASN A 25 15.80 -17.10 -26.37
CA ASN A 25 14.47 -17.70 -26.14
C ASN A 25 13.37 -16.78 -26.64
N SER A 26 12.42 -17.35 -27.35
CA SER A 26 11.37 -16.58 -27.98
C SER A 26 10.28 -16.14 -26.99
N TYR A 27 10.28 -16.76 -25.81
CA TYR A 27 9.33 -16.46 -24.75
C TYR A 27 10.01 -15.71 -23.61
N THR A 28 9.42 -14.59 -23.19
CA THR A 28 9.92 -13.81 -22.06
C THR A 28 8.76 -13.17 -21.32
N PHE A 29 8.90 -13.02 -19.99
CA PHE A 29 7.94 -12.28 -19.20
C PHE A 29 8.07 -10.82 -19.60
N ILE A 30 6.95 -10.10 -19.62
CA ILE A 30 6.94 -8.72 -20.07
C ILE A 30 7.06 -7.78 -18.88
N ASP A 31 8.16 -7.03 -18.81
CA ASP A 31 8.38 -6.04 -17.75
C ASP A 31 7.53 -4.80 -18.04
N PRO A 32 6.48 -4.56 -17.24
CA PRO A 32 5.63 -3.39 -17.53
C PRO A 32 6.33 -2.03 -17.41
N THR A 33 7.44 -1.97 -16.67
CA THR A 33 8.19 -0.71 -16.55
C THR A 33 8.88 -0.39 -17.86
N GLN A 34 9.16 -1.42 -18.66
CA GLN A 34 9.75 -1.24 -19.99
C GLN A 34 8.75 -0.81 -21.07
N LEU A 35 7.47 -0.83 -20.77
CA LEU A 35 6.44 -0.46 -21.74
C LEU A 35 6.31 1.06 -21.85
N PRO A 36 6.06 1.58 -23.06
CA PRO A 36 5.85 3.01 -23.17
C PRO A 36 4.60 3.42 -22.42
N TYR A 37 4.49 4.69 -22.09
CA TYR A 37 3.26 5.20 -21.47
C TYR A 37 2.10 4.92 -22.41
N ASN A 38 1.00 4.40 -21.87
CA ASN A 38 -0.21 4.14 -22.66
C ASN A 38 -1.09 5.40 -22.69
N GLU A 39 -1.34 5.87 -23.91
CA GLU A 39 -2.00 7.14 -24.13
C GLU A 39 -3.50 7.11 -23.76
N LYS A 40 -4.05 5.91 -23.56
CA LYS A 40 -5.46 5.77 -23.17
C LYS A 40 -5.76 6.36 -21.79
N TRP A 41 -4.73 6.49 -20.96
CA TRP A 41 -4.88 7.10 -19.64
C TRP A 41 -4.87 8.63 -19.68
N GLU A 42 -4.42 9.21 -20.79
CA GLU A 42 -4.25 10.65 -20.90
C GLU A 42 -5.56 11.39 -20.69
N PHE A 43 -5.47 12.46 -19.91
CA PHE A 43 -6.61 13.28 -19.56
C PHE A 43 -6.10 14.72 -19.60
N PRO A 44 -6.89 15.64 -20.18
CA PRO A 44 -6.39 17.01 -20.25
C PRO A 44 -6.34 17.66 -18.87
N ARG A 45 -5.24 18.36 -18.56
CA ARG A 45 -5.10 19.00 -17.25
C ARG A 45 -6.07 20.17 -17.05
N ASN A 46 -6.57 20.74 -18.14
CA ASN A 46 -7.59 21.78 -18.05
C ASN A 46 -9.02 21.23 -17.86
N ASN A 47 -9.15 19.92 -17.71
CA ASN A 47 -10.37 19.31 -17.20
C ASN A 47 -10.22 18.97 -15.70
N LEU A 48 -9.32 19.69 -15.02
CA LEU A 48 -8.87 19.34 -13.67
C LEU A 48 -8.73 20.62 -12.83
N GLN A 49 -9.24 20.60 -11.61
CA GLN A 49 -9.21 21.77 -10.75
C GLN A 49 -8.67 21.37 -9.39
N PHE A 50 -7.51 21.90 -9.01
CA PHE A 50 -6.82 21.46 -7.80
C PHE A 50 -7.43 22.07 -6.56
N GLY A 51 -7.51 21.26 -5.51
CA GLY A 51 -8.07 21.66 -4.23
C GLY A 51 -7.01 21.55 -3.17
N LYS A 52 -7.34 21.00 -2.02
CA LYS A 52 -6.46 21.06 -0.87
C LYS A 52 -5.48 19.90 -0.89
N THR A 53 -4.36 20.06 -0.20
CA THR A 53 -3.36 19.02 -0.12
C THR A 53 -3.84 17.91 0.81
N LEU A 54 -3.77 16.67 0.34
CA LEU A 54 -4.14 15.49 1.13
C LEU A 54 -2.94 14.93 1.89
N GLY A 55 -1.77 14.93 1.26
CA GLY A 55 -0.52 14.49 1.89
C GLY A 55 0.70 14.95 1.10
N ALA A 56 1.83 15.12 1.78
CA ALA A 56 3.05 15.65 1.15
C ALA A 56 4.36 15.02 1.67
N GLY A 57 5.47 15.37 1.04
CA GLY A 57 6.79 14.93 1.48
C GLY A 57 7.89 15.81 0.90
N ALA A 58 9.05 15.20 0.62
CA ALA A 58 10.11 15.86 -0.14
C ALA A 58 9.99 15.53 -1.63
N PHE A 59 9.41 14.37 -1.95
CA PHE A 59 9.22 13.95 -3.35
C PHE A 59 8.19 14.85 -4.05
N GLY A 60 7.08 15.13 -3.35
CA GLY A 60 6.02 15.96 -3.91
C GLY A 60 4.79 16.01 -3.02
N LYS A 61 3.61 15.84 -3.61
CA LYS A 61 2.37 15.88 -2.86
C LYS A 61 1.22 15.20 -3.58
N VAL A 62 0.18 14.88 -2.83
CA VAL A 62 -1.09 14.43 -3.38
C VAL A 62 -2.16 15.44 -2.99
N VAL A 63 -2.86 15.95 -4.00
CA VAL A 63 -3.88 16.95 -3.79
C VAL A 63 -5.22 16.37 -4.18
N GLU A 64 -6.28 16.97 -3.65
CA GLU A 64 -7.63 16.66 -4.06
C GLU A 64 -7.91 17.50 -5.29
N ALA A 65 -8.63 16.95 -6.24
CA ALA A 65 -9.03 17.71 -7.41
C ALA A 65 -10.42 17.31 -7.89
N THR A 66 -11.05 18.21 -8.63
CA THR A 66 -12.30 17.91 -9.32
C THR A 66 -11.93 17.63 -10.77
N ALA A 67 -12.41 16.49 -11.29
CA ALA A 67 -12.20 16.13 -12.68
C ALA A 67 -13.53 16.29 -13.43
N PHE A 68 -13.45 16.88 -14.62
CA PHE A 68 -14.63 17.12 -15.43
C PHE A 68 -14.60 16.20 -16.63
N GLY A 69 -15.60 15.33 -16.73
CA GLY A 69 -15.76 14.46 -17.87
C GLY A 69 -14.73 13.34 -17.92
N LEU A 70 -14.37 12.79 -16.77
CA LEU A 70 -13.34 11.75 -16.70
C LEU A 70 -13.93 10.36 -16.87
N GLY A 71 -13.51 9.67 -17.93
CA GLY A 71 -13.95 8.31 -18.21
C GLY A 71 -15.44 8.27 -18.49
N LYS A 72 -16.09 7.19 -18.06
CA LYS A 72 -17.56 7.07 -18.11
C LYS A 72 -18.17 7.39 -16.74
N GLU A 73 -17.33 7.89 -15.83
CA GLU A 73 -17.74 8.18 -14.45
C GLU A 73 -18.62 9.43 -14.36
N ASP A 74 -18.92 9.84 -13.13
CA ASP A 74 -19.69 11.04 -12.89
C ASP A 74 -19.03 12.21 -13.63
N ALA A 75 -19.85 13.04 -14.28
CA ALA A 75 -19.37 14.19 -15.06
C ALA A 75 -18.48 15.10 -14.22
N VAL A 76 -18.86 15.26 -12.96
CA VAL A 76 -18.02 15.95 -11.97
C VAL A 76 -17.61 14.91 -10.94
N LEU A 77 -16.30 14.78 -10.76
CA LEU A 77 -15.76 13.68 -10.00
C LEU A 77 -14.61 14.16 -9.15
N LYS A 78 -14.73 13.92 -7.85
CA LYS A 78 -13.67 14.23 -6.91
C LYS A 78 -12.62 13.13 -7.04
N VAL A 79 -11.37 13.53 -7.26
CA VAL A 79 -10.27 12.60 -7.50
C VAL A 79 -9.06 13.05 -6.67
N ALA A 80 -8.02 12.22 -6.68
CA ALA A 80 -6.75 12.52 -6.02
C ALA A 80 -5.67 12.52 -7.08
N VAL A 81 -4.73 13.46 -6.99
CA VAL A 81 -3.73 13.66 -8.02
C VAL A 81 -2.36 13.78 -7.40
N LYS A 82 -1.42 12.99 -7.92
CA LYS A 82 -0.05 12.96 -7.41
C LYS A 82 0.89 13.68 -8.38
N MET A 83 1.78 14.48 -7.82
CA MET A 83 2.70 15.30 -8.58
C MET A 83 3.97 15.49 -7.79
N LEU A 84 5.07 15.73 -8.49
CA LEU A 84 6.33 16.06 -7.84
C LEU A 84 6.41 17.57 -7.65
N LYS A 85 7.11 17.99 -6.60
CA LYS A 85 7.46 19.39 -6.44
C LYS A 85 8.41 19.75 -7.59
N SER A 86 8.31 20.98 -8.08
CA SER A 86 9.12 21.44 -9.22
C SER A 86 10.63 21.26 -9.03
N THR A 87 11.07 21.17 -7.78
CA THR A 87 12.47 20.88 -7.42
C THR A 87 12.98 19.52 -7.91
N ALA A 88 12.09 18.56 -8.12
CA ALA A 88 12.46 17.17 -8.43
C ALA A 88 13.45 17.04 -9.58
N HIS A 89 14.35 16.06 -9.45
CA HIS A 89 15.40 15.80 -10.44
C HIS A 89 14.96 14.70 -11.42
N ALA A 90 15.82 14.37 -12.37
CA ALA A 90 15.54 13.30 -13.34
C ALA A 90 15.20 11.96 -12.65
N ASP A 91 15.95 11.63 -11.60
CA ASP A 91 15.77 10.41 -10.80
C ASP A 91 14.33 10.20 -10.41
N GLU A 92 13.74 11.25 -9.85
CA GLU A 92 12.45 11.18 -9.18
C GLU A 92 11.29 11.24 -10.17
N LYS A 93 11.47 12.02 -11.24
CA LYS A 93 10.50 12.06 -12.32
C LYS A 93 10.35 10.67 -12.91
N GLU A 94 11.47 9.97 -13.07
CA GLU A 94 11.46 8.62 -13.64
C GLU A 94 10.79 7.62 -12.70
N ALA A 95 10.95 7.84 -11.39
CA ALA A 95 10.32 6.98 -10.39
C ALA A 95 8.79 7.15 -10.38
N LEU A 96 8.31 8.36 -10.67
CA LEU A 96 6.87 8.60 -10.80
C LEU A 96 6.29 8.01 -12.08
N MET A 97 7.08 7.98 -13.15
CA MET A 97 6.63 7.32 -14.37
C MET A 97 6.57 5.81 -14.17
N SER A 98 7.55 5.24 -13.48
CA SER A 98 7.56 3.81 -13.19
C SER A 98 6.33 3.43 -12.38
N GLU A 99 6.05 4.23 -11.34
CA GLU A 99 4.83 4.07 -10.56
C GLU A 99 3.59 4.08 -11.47
N LEU A 100 3.52 5.07 -12.35
CA LEU A 100 2.38 5.22 -13.27
C LEU A 100 2.23 3.97 -14.11
N LYS A 101 3.37 3.49 -14.62
CA LYS A 101 3.41 2.34 -15.52
C LYS A 101 3.01 1.05 -14.82
N ILE A 102 3.51 0.82 -13.62
CA ILE A 102 3.06 -0.30 -12.81
C ILE A 102 1.55 -0.24 -12.59
N MET A 103 1.05 0.89 -12.13
CA MET A 103 -0.38 1.05 -11.83
C MET A 103 -1.25 0.84 -13.08
N SER A 104 -0.74 1.23 -14.26
CA SER A 104 -1.55 1.11 -15.47
C SER A 104 -1.66 -0.31 -16.04
N HIS A 105 -0.71 -1.18 -15.70
CA HIS A 105 -0.73 -2.57 -16.15
C HIS A 105 -1.54 -3.47 -15.22
N LEU A 106 -1.69 -3.09 -13.96
CA LEU A 106 -2.40 -3.93 -12.98
C LEU A 106 -3.82 -4.29 -13.40
N GLY A 107 -4.55 -3.32 -13.95
CA GLY A 107 -5.99 -3.44 -14.08
C GLY A 107 -6.62 -3.04 -12.75
N GLN A 108 -7.93 -2.98 -12.71
CA GLN A 108 -8.68 -2.50 -11.56
C GLN A 108 -9.00 -3.62 -10.57
N HIS A 109 -9.05 -3.26 -9.29
CA HIS A 109 -9.59 -4.13 -8.25
C HIS A 109 -10.34 -3.28 -7.21
N GLU A 110 -11.29 -3.90 -6.50
CA GLU A 110 -12.16 -3.15 -5.58
C GLU A 110 -11.43 -2.68 -4.33
N ASN A 111 -10.30 -3.33 -4.02
CA ASN A 111 -9.56 -3.05 -2.79
C ASN A 111 -8.18 -2.47 -3.05
N ILE A 112 -8.05 -1.79 -4.17
CA ILE A 112 -6.86 -1.03 -4.53
C ILE A 112 -7.30 0.38 -4.87
N VAL A 113 -6.45 1.36 -4.59
CA VAL A 113 -6.71 2.71 -5.01
C VAL A 113 -6.32 2.74 -6.48
N ASN A 114 -7.30 2.54 -7.34
CA ASN A 114 -7.08 2.41 -8.78
C ASN A 114 -6.68 3.73 -9.43
N LEU A 115 -5.96 3.59 -10.54
CA LEU A 115 -5.54 4.66 -11.41
C LEU A 115 -6.69 5.04 -12.32
N LEU A 116 -7.01 6.34 -12.41
CA LEU A 116 -8.09 6.82 -13.28
C LEU A 116 -7.58 7.45 -14.58
N GLY A 117 -6.36 7.98 -14.55
CA GLY A 117 -5.74 8.56 -15.72
C GLY A 117 -4.45 9.28 -15.37
N ALA A 118 -3.95 10.10 -16.29
CA ALA A 118 -2.73 10.84 -16.06
C ALA A 118 -2.67 12.07 -16.94
N CYS A 119 -1.74 12.97 -16.61
CA CYS A 119 -1.43 14.10 -17.46
C CYS A 119 0.06 14.09 -17.74
N THR A 120 0.43 13.76 -18.98
CA THR A 120 1.85 13.64 -19.37
C THR A 120 2.29 14.64 -20.44
N HIS A 121 1.34 15.30 -21.10
CA HIS A 121 1.68 16.37 -22.04
C HIS A 121 1.34 17.75 -21.46
N GLY A 122 2.05 18.76 -21.94
CA GLY A 122 1.77 20.14 -21.57
C GLY A 122 2.15 20.55 -20.15
N GLY A 123 2.92 19.72 -19.46
CA GLY A 123 3.30 20.04 -18.09
C GLY A 123 3.92 18.89 -17.33
N PRO A 124 4.12 19.04 -16.01
CA PRO A 124 4.73 17.96 -15.23
C PRO A 124 3.79 16.78 -15.16
N VAL A 125 4.32 15.61 -14.81
CA VAL A 125 3.48 14.42 -14.74
C VAL A 125 2.50 14.51 -13.55
N LEU A 126 1.21 14.28 -13.83
CA LEU A 126 0.20 14.11 -12.81
C LEU A 126 -0.39 12.70 -12.92
N VAL A 127 -0.55 12.04 -11.79
CA VAL A 127 -1.15 10.72 -11.72
C VAL A 127 -2.46 10.84 -10.97
N ILE A 128 -3.55 10.49 -11.64
CA ILE A 128 -4.90 10.68 -11.10
C ILE A 128 -5.42 9.33 -10.60
N THR A 129 -5.91 9.29 -9.37
CA THR A 129 -6.41 8.05 -8.78
C THR A 129 -7.73 8.30 -8.05
N GLU A 130 -8.41 7.22 -7.69
CA GLU A 130 -9.68 7.31 -6.96
C GLU A 130 -9.48 8.12 -5.72
N TYR A 131 -10.42 9.01 -5.43
CA TYR A 131 -10.47 9.71 -4.14
C TYR A 131 -11.28 8.88 -3.14
N CYS A 132 -10.68 8.59 -1.98
CA CYS A 132 -11.31 7.81 -0.90
C CYS A 132 -11.66 8.74 0.27
N CYS A 133 -12.95 9.03 0.45
CA CYS A 133 -13.37 10.17 1.27
C CYS A 133 -13.06 10.11 2.78
N TYR A 134 -12.87 8.92 3.33
CA TYR A 134 -12.65 8.80 4.77
C TYR A 134 -11.18 8.78 5.17
N GLY A 135 -10.29 8.89 4.19
CA GLY A 135 -8.86 9.05 4.45
C GLY A 135 -8.22 7.73 4.81
N ASP A 136 -7.08 7.80 5.49
CA ASP A 136 -6.30 6.61 5.84
C ASP A 136 -6.85 5.84 7.03
N LEU A 137 -6.64 4.53 7.01
CA LEU A 137 -7.13 3.62 8.04
C LEU A 137 -6.55 3.92 9.41
N LEU A 138 -5.26 4.23 9.49
CA LEU A 138 -4.59 4.44 10.76
C LEU A 138 -5.25 5.55 11.57
N ASN A 139 -5.39 6.73 10.96
CA ASN A 139 -6.03 7.85 11.60
C ASN A 139 -7.48 7.55 11.96
N PHE A 140 -8.16 6.80 11.09
CA PHE A 140 -9.56 6.43 11.33
C PHE A 140 -9.66 5.63 12.62
N LEU A 141 -8.81 4.62 12.76
CA LEU A 141 -8.79 3.76 13.93
C LEU A 141 -8.46 4.55 15.19
N ARG A 142 -7.53 5.49 15.06
CA ARG A 142 -7.11 6.32 16.19
C ARG A 142 -8.19 7.28 16.66
N ARG A 143 -8.96 7.86 15.73
CA ARG A 143 -10.11 8.72 16.09
C ARG A 143 -11.16 7.95 16.87
N LYS A 144 -11.42 6.71 16.46
CA LYS A 144 -12.36 5.85 17.18
C LYS A 144 -11.88 5.50 18.58
N ALA A 145 -10.58 5.22 18.70
CA ALA A 145 -9.97 4.94 20.00
C ALA A 145 -10.04 6.15 20.93
N GLU A 146 -9.83 7.34 20.37
CA GLU A 146 -9.91 8.60 21.11
C GLU A 146 -11.36 8.97 21.44
N ALA A 147 -12.28 8.66 20.53
CA ALA A 147 -13.71 8.94 20.73
C ALA A 147 -14.29 8.07 21.84
N ASP A 148 -13.87 6.80 21.87
CA ASP A 148 -14.40 5.86 22.85
C ASP A 148 -13.93 6.18 24.27
N LEU A 149 -12.67 6.60 24.40
CA LEU A 149 -12.14 7.17 25.66
C LEU A 149 -13.04 8.29 26.18
N ASP A 150 -13.53 9.13 25.27
CA ASP A 150 -14.50 10.19 25.61
C ASP A 150 -15.90 9.59 25.67
N PRO A 156 -18.93 3.31 17.12
CA PRO A 156 -18.15 2.41 17.97
C PRO A 156 -17.71 1.17 17.19
N LEU A 157 -16.41 1.04 16.98
CA LEU A 157 -15.87 -0.08 16.20
C LEU A 157 -16.19 -1.41 16.86
N GLU A 158 -16.55 -2.39 16.02
CA GLU A 158 -16.81 -3.76 16.44
C GLU A 158 -15.84 -4.69 15.73
N LEU A 159 -15.66 -5.88 16.30
CA LEU A 159 -14.77 -6.88 15.73
C LEU A 159 -15.08 -7.17 14.25
N ARG A 160 -16.37 -7.14 13.89
CA ARG A 160 -16.79 -7.40 12.51
C ARG A 160 -16.15 -6.41 11.55
N ASP A 161 -16.08 -5.15 11.97
CA ASP A 161 -15.52 -4.09 11.13
C ASP A 161 -14.01 -4.27 10.95
N LEU A 162 -13.31 -4.64 12.02
CA LEU A 162 -11.86 -4.86 11.96
C LEU A 162 -11.54 -6.05 11.05
N LEU A 163 -12.32 -7.12 11.19
CA LEU A 163 -12.22 -8.28 10.28
C LEU A 163 -12.45 -7.88 8.82
N HIS A 164 -13.45 -7.04 8.57
CA HIS A 164 -13.77 -6.61 7.20
C HIS A 164 -12.61 -5.82 6.58
N PHE A 165 -12.02 -4.88 7.34
CA PHE A 165 -10.85 -4.15 6.85
C PHE A 165 -9.71 -5.10 6.52
N SER A 166 -9.51 -6.09 7.37
CA SER A 166 -8.38 -7.02 7.24
C SER A 166 -8.56 -7.85 5.98
N SER A 167 -9.78 -8.35 5.82
CA SER A 167 -10.15 -9.19 4.70
C SER A 167 -10.06 -8.43 3.38
N GLN A 168 -10.44 -7.16 3.41
CA GLN A 168 -10.41 -6.34 2.22
C GLN A 168 -8.97 -6.00 1.80
N VAL A 169 -8.11 -5.68 2.74
CA VAL A 169 -6.69 -5.45 2.43
C VAL A 169 -6.06 -6.77 1.86
N ALA A 170 -6.37 -7.88 2.49
CA ALA A 170 -5.89 -9.20 2.05
C ALA A 170 -6.26 -9.49 0.60
N GLN A 171 -7.51 -9.17 0.25
CA GLN A 171 -8.05 -9.36 -1.10
CA GLN A 171 -8.02 -9.40 -1.11
C GLN A 171 -7.27 -8.52 -2.11
N GLY A 172 -6.97 -7.29 -1.74
CA GLY A 172 -6.17 -6.40 -2.59
C GLY A 172 -4.73 -6.87 -2.74
N MET A 173 -4.16 -7.39 -1.67
CA MET A 173 -2.78 -7.92 -1.73
C MET A 173 -2.69 -9.16 -2.61
N ALA A 174 -3.73 -9.99 -2.53
CA ALA A 174 -3.82 -11.23 -3.30
C ALA A 174 -3.88 -10.90 -4.77
N PHE A 175 -4.58 -9.82 -5.09
CA PHE A 175 -4.66 -9.34 -6.46
C PHE A 175 -3.30 -8.82 -6.92
N LEU A 176 -2.61 -8.08 -6.06
CA LEU A 176 -1.27 -7.58 -6.35
C LEU A 176 -0.25 -8.72 -6.47
N ALA A 177 -0.26 -9.63 -5.51
CA ALA A 177 0.57 -10.86 -5.58
C ALA A 177 0.39 -11.60 -6.88
N SER A 178 -0.85 -11.67 -7.37
CA SER A 178 -1.15 -12.42 -8.60
C SER A 178 -0.70 -11.68 -9.86
N LYS A 179 -0.29 -10.42 -9.70
CA LYS A 179 0.34 -9.66 -10.78
C LYS A 179 1.87 -9.62 -10.64
N ASN A 180 2.41 -10.31 -9.63
CA ASN A 180 3.83 -10.23 -9.28
C ASN A 180 4.24 -8.79 -8.96
N CYS A 181 3.36 -8.10 -8.26
CA CYS A 181 3.62 -6.74 -7.84
C CYS A 181 3.79 -6.74 -6.34
N ILE A 182 5.01 -6.48 -5.90
CA ILE A 182 5.29 -6.38 -4.47
C ILE A 182 5.22 -4.92 -4.06
N HIS A 183 4.33 -4.65 -3.11
CA HIS A 183 3.94 -3.30 -2.74
C HIS A 183 5.04 -2.59 -1.95
N ARG A 184 5.57 -3.30 -0.94
CA ARG A 184 6.69 -2.84 -0.12
C ARG A 184 6.40 -1.72 0.86
N ASP A 185 5.14 -1.34 1.02
CA ASP A 185 4.76 -0.30 1.97
C ASP A 185 3.37 -0.57 2.58
N VAL A 186 3.16 -1.81 2.99
CA VAL A 186 1.91 -2.21 3.58
C VAL A 186 1.88 -1.76 5.04
N ALA A 187 1.01 -0.80 5.33
CA ALA A 187 0.87 -0.24 6.67
C ALA A 187 -0.51 0.37 6.80
N ALA A 188 -1.04 0.48 8.02
CA ALA A 188 -2.34 1.11 8.21
C ALA A 188 -2.38 2.51 7.59
N ARG A 189 -1.26 3.22 7.64
CA ARG A 189 -1.16 4.59 7.11
C ARG A 189 -1.35 4.70 5.59
N ASN A 190 -1.16 3.59 4.88
CA ASN A 190 -1.28 3.52 3.41
C ASN A 190 -2.55 2.78 2.94
N VAL A 191 -3.38 2.37 3.90
CA VAL A 191 -4.71 1.84 3.58
C VAL A 191 -5.68 2.99 3.73
N LEU A 192 -6.56 3.14 2.76
CA LEU A 192 -7.49 4.27 2.67
C LEU A 192 -8.91 3.72 2.71
N LEU A 193 -9.86 4.52 3.19
CA LEU A 193 -11.25 4.10 3.28
C LEU A 193 -12.17 4.94 2.39
N THR A 194 -12.79 4.29 1.41
CA THR A 194 -13.65 4.96 0.44
C THR A 194 -15.11 4.76 0.86
N ASN A 195 -16.04 5.06 -0.06
CA ASN A 195 -17.47 4.96 0.22
C ASN A 195 -17.85 3.59 0.79
N GLY A 196 -18.76 3.61 1.77
CA GLY A 196 -19.14 2.42 2.53
C GLY A 196 -18.07 1.94 3.51
N HIS A 197 -17.02 2.74 3.70
CA HIS A 197 -15.82 2.39 4.49
C HIS A 197 -15.06 1.17 3.97
N VAL A 198 -15.11 0.97 2.66
CA VAL A 198 -14.38 -0.09 1.99
C VAL A 198 -12.89 0.20 1.98
N ALA A 199 -12.06 -0.74 2.44
CA ALA A 199 -10.60 -0.54 2.47
C ALA A 199 -9.94 -0.75 1.11
N LYS A 200 -8.95 0.08 0.79
CA LYS A 200 -8.19 -0.01 -0.45
C LYS A 200 -6.72 0.25 -0.17
N ILE A 201 -5.84 -0.56 -0.74
CA ILE A 201 -4.40 -0.36 -0.58
C ILE A 201 -3.92 0.74 -1.53
N GLY A 202 -3.28 1.75 -0.97
CA GLY A 202 -2.82 2.90 -1.76
C GLY A 202 -1.32 3.06 -1.64
N ASP A 203 -0.81 4.15 -2.21
CA ASP A 203 0.60 4.53 -2.14
C ASP A 203 1.55 3.48 -2.73
N PHE A 204 1.76 3.54 -4.04
CA PHE A 204 2.59 2.57 -4.75
C PHE A 204 3.97 3.15 -5.02
N GLY A 205 4.44 4.02 -4.12
CA GLY A 205 5.71 4.73 -4.29
C GLY A 205 6.90 3.79 -4.29
N LEU A 206 6.82 2.75 -3.48
CA LEU A 206 7.84 1.70 -3.42
C LEU A 206 7.45 0.40 -4.13
N ALA A 207 6.24 0.31 -4.67
CA ALA A 207 5.81 -0.88 -5.41
C ALA A 207 6.81 -1.20 -6.50
N ARG A 208 7.07 -2.47 -6.69
CA ARG A 208 7.98 -2.92 -7.72
C ARG A 208 7.38 -4.16 -8.42
N ASP A 209 7.75 -4.38 -9.68
CA ASP A 209 7.29 -5.58 -10.43
C ASP A 209 8.42 -6.58 -10.66
N ILE A 210 8.17 -7.86 -10.35
CA ILE A 210 9.17 -8.93 -10.46
C ILE A 210 8.78 -10.07 -11.44
N MET A 211 9.65 -11.10 -11.52
CA MET A 211 9.52 -12.25 -12.43
C MET A 211 9.67 -11.80 -13.86
N SER A 214 13.15 -13.50 -9.89
CA SER A 214 12.01 -13.60 -8.98
C SER A 214 12.26 -12.94 -7.60
N ASN A 215 13.51 -12.55 -7.35
CA ASN A 215 13.83 -11.61 -6.25
C ASN A 215 13.60 -10.16 -6.70
N TYR A 216 13.41 -9.28 -5.73
CA TYR A 216 13.73 -7.88 -5.93
C TYR A 216 14.80 -7.52 -4.90
N ILE A 217 15.89 -6.93 -5.36
CA ILE A 217 16.99 -6.50 -4.50
C ILE A 217 16.90 -4.99 -4.30
N VAL A 218 17.17 -4.53 -3.08
CA VAL A 218 17.12 -3.10 -2.75
C VAL A 218 18.36 -2.41 -3.29
N LYS A 219 18.18 -1.37 -4.09
CA LYS A 219 19.30 -0.63 -4.67
C LYS A 219 20.06 0.11 -3.58
N GLY A 220 19.32 0.81 -2.73
CA GLY A 220 19.84 1.32 -1.45
C GLY A 220 19.58 2.78 -1.18
N ASN A 221 19.62 3.12 0.11
CA ASN A 221 19.63 4.50 0.60
C ASN A 221 18.28 5.25 0.62
N ALA A 222 17.29 4.73 -0.08
CA ALA A 222 15.92 5.15 0.17
C ALA A 222 15.65 4.94 1.67
N ARG A 223 15.00 5.91 2.30
CA ARG A 223 14.45 5.73 3.65
C ARG A 223 13.36 4.68 3.50
N LEU A 224 13.33 3.70 4.41
CA LEU A 224 12.42 2.58 4.32
C LEU A 224 11.62 2.42 5.62
N PRO A 225 10.46 1.75 5.55
CA PRO A 225 9.61 1.57 6.72
C PRO A 225 10.04 0.38 7.57
N VAL A 226 11.15 0.55 8.29
CA VAL A 226 11.83 -0.56 8.98
C VAL A 226 10.96 -1.41 9.89
N LYS A 227 10.05 -0.80 10.64
CA LYS A 227 9.20 -1.57 11.55
C LYS A 227 8.15 -2.42 10.84
N TRP A 228 7.96 -2.23 9.53
CA TRP A 228 7.05 -3.05 8.72
C TRP A 228 7.79 -4.01 7.80
N MET A 229 9.12 -4.03 7.87
CA MET A 229 9.93 -4.82 6.95
C MET A 229 10.25 -6.23 7.46
N ALA A 230 10.14 -7.21 6.55
CA ALA A 230 10.56 -8.57 6.83
C ALA A 230 12.08 -8.64 6.98
N PRO A 231 12.58 -9.56 7.85
CA PRO A 231 14.02 -9.65 8.11
C PRO A 231 14.86 -9.79 6.85
N GLU A 232 14.42 -10.62 5.91
CA GLU A 232 15.20 -10.81 4.68
C GLU A 232 15.35 -9.49 3.90
N SER A 233 14.37 -8.59 4.04
CA SER A 233 14.45 -7.27 3.42
C SER A 233 15.43 -6.37 4.15
N ILE A 234 15.49 -6.50 5.47
CA ILE A 234 16.41 -5.67 6.24
C ILE A 234 17.84 -6.19 6.10
N PHE A 235 18.02 -7.48 6.34
CA PHE A 235 19.34 -8.08 6.42
C PHE A 235 19.92 -8.54 5.09
N ASP A 236 19.08 -8.89 4.13
CA ASP A 236 19.55 -9.36 2.83
C ASP A 236 19.13 -8.48 1.66
N CYS A 237 18.38 -7.41 1.95
CA CYS A 237 17.87 -6.52 0.90
C CYS A 237 17.01 -7.23 -0.13
N VAL A 238 16.28 -8.25 0.32
CA VAL A 238 15.55 -9.12 -0.57
C VAL A 238 14.08 -8.91 -0.30
N TYR A 239 13.33 -8.80 -1.39
CA TYR A 239 11.88 -8.69 -1.31
C TYR A 239 11.24 -9.72 -2.21
N THR A 240 10.34 -10.52 -1.64
CA THR A 240 9.33 -11.25 -2.40
C THR A 240 7.96 -10.82 -1.92
N VAL A 241 6.93 -11.36 -2.57
CA VAL A 241 5.55 -11.21 -2.13
C VAL A 241 5.35 -11.71 -0.72
N GLN A 242 6.12 -12.71 -0.30
CA GLN A 242 6.05 -13.18 1.07
C GLN A 242 6.61 -12.15 2.06
N SER A 243 7.42 -11.21 1.59
CA SER A 243 7.85 -10.08 2.42
C SER A 243 6.66 -9.19 2.74
N ASP A 244 5.77 -8.99 1.78
CA ASP A 244 4.56 -8.19 2.01
C ASP A 244 3.70 -8.86 3.07
N VAL A 245 3.72 -10.19 3.11
CA VAL A 245 2.88 -10.92 4.05
C VAL A 245 3.29 -10.60 5.47
N TRP A 246 4.60 -10.45 5.69
CA TRP A 246 5.16 -10.05 6.97
C TRP A 246 4.60 -8.69 7.35
N SER A 247 4.68 -7.76 6.40
CA SER A 247 4.19 -6.40 6.59
C SER A 247 2.69 -6.43 6.93
N TYR A 248 1.94 -7.24 6.20
CA TYR A 248 0.49 -7.36 6.44
C TYR A 248 0.19 -7.82 7.87
N GLY A 249 1.03 -8.71 8.40
CA GLY A 249 0.90 -9.18 9.80
C GLY A 249 1.06 -8.02 10.79
N ILE A 250 1.98 -7.12 10.49
CA ILE A 250 2.23 -5.92 11.29
C ILE A 250 0.98 -5.03 11.24
N LEU A 251 0.40 -4.90 10.05
CA LEU A 251 -0.82 -4.14 9.82
C LEU A 251 -1.95 -4.72 10.63
N LEU A 252 -2.05 -6.04 10.63
CA LEU A 252 -3.05 -6.71 11.44
C LEU A 252 -2.88 -6.30 12.89
N TRP A 253 -1.64 -6.20 13.33
CA TRP A 253 -1.35 -5.77 14.68
C TRP A 253 -1.82 -4.33 14.89
N GLU A 254 -1.66 -3.50 13.86
CA GLU A 254 -2.10 -2.11 13.93
C GLU A 254 -3.61 -2.01 13.99
N ILE A 255 -4.28 -2.86 13.22
CA ILE A 255 -5.74 -2.81 13.11
C ILE A 255 -6.33 -3.21 14.46
N PHE A 256 -5.92 -4.37 14.96
CA PHE A 256 -6.48 -4.92 16.19
C PHE A 256 -5.97 -4.29 17.48
N SER A 257 -4.99 -3.39 17.40
CA SER A 257 -4.62 -2.53 18.51
C SER A 257 -5.24 -1.12 18.39
N LEU A 258 -6.03 -0.89 17.35
CA LEU A 258 -6.63 0.43 17.08
C LEU A 258 -5.56 1.51 16.85
N GLY A 259 -4.51 1.12 16.13
CA GLY A 259 -3.57 2.08 15.59
C GLY A 259 -2.40 2.43 16.48
N LEU A 260 -1.99 1.52 17.36
CA LEU A 260 -0.74 1.70 18.07
C LEU A 260 0.42 1.61 17.08
N ASN A 261 1.46 2.42 17.29
CA ASN A 261 2.73 2.26 16.58
C ASN A 261 3.31 0.87 16.91
N PRO A 262 3.79 0.14 15.88
CA PRO A 262 4.39 -1.17 16.14
C PRO A 262 5.57 -1.10 17.08
N TYR A 263 5.80 -2.20 17.80
CA TYR A 263 6.89 -2.30 18.76
C TYR A 263 6.88 -1.08 19.67
N PRO A 264 5.75 -0.81 20.33
CA PRO A 264 5.58 0.46 21.04
C PRO A 264 6.69 0.68 22.05
N GLY A 265 7.33 1.85 21.98
CA GLY A 265 8.40 2.24 22.92
C GLY A 265 9.80 1.77 22.57
N ILE A 266 9.94 0.96 21.52
CA ILE A 266 11.22 0.39 21.09
C ILE A 266 11.75 1.14 19.85
N LEU A 267 12.89 1.81 20.00
CA LEU A 267 13.47 2.58 18.89
C LEU A 267 14.21 1.69 17.90
N VAL A 268 14.25 2.11 16.64
CA VAL A 268 15.05 1.44 15.63
C VAL A 268 16.54 1.67 15.90
N ASN A 269 17.22 0.60 16.29
CA ASN A 269 18.65 0.61 16.57
C ASN A 269 19.15 -0.84 16.65
N SER A 270 20.41 -1.04 17.03
CA SER A 270 20.99 -2.38 17.18
C SER A 270 20.10 -3.35 17.97
N LYS A 271 19.51 -2.85 19.05
CA LYS A 271 18.66 -3.67 19.91
C LYS A 271 17.48 -4.21 19.11
N PHE A 272 16.88 -3.36 18.28
CA PHE A 272 15.69 -3.73 17.52
C PHE A 272 16.01 -4.83 16.51
N TYR A 273 17.09 -4.63 15.77
CA TYR A 273 17.49 -5.58 14.76
C TYR A 273 17.79 -6.96 15.36
N LYS A 274 18.46 -6.99 16.51
CA LYS A 274 18.70 -8.23 17.25
C LYS A 274 17.40 -8.93 17.63
N LEU A 275 16.47 -8.20 18.21
CA LEU A 275 15.18 -8.78 18.59
C LEU A 275 14.51 -9.43 17.38
N VAL A 276 14.44 -8.69 16.28
CA VAL A 276 13.81 -9.19 15.07
C VAL A 276 14.52 -10.45 14.59
N LYS A 277 15.85 -10.42 14.50
CA LYS A 277 16.61 -11.57 14.01
C LYS A 277 16.46 -12.78 14.93
N ASP A 278 16.39 -12.56 16.25
CA ASP A 278 16.25 -13.63 17.22
C ASP A 278 14.80 -14.12 17.42
N GLY A 279 13.85 -13.55 16.70
CA GLY A 279 12.47 -14.10 16.67
C GLY A 279 11.47 -13.41 17.59
N TYR A 280 11.81 -12.25 18.12
CA TYR A 280 10.89 -11.52 18.98
C TYR A 280 9.66 -11.16 18.18
N GLN A 281 8.49 -11.31 18.79
CA GLN A 281 7.23 -10.91 18.19
C GLN A 281 6.38 -10.07 19.14
N MET A 282 5.62 -9.13 18.59
CA MET A 282 4.71 -8.31 19.39
C MET A 282 3.67 -9.17 20.08
N ALA A 283 3.22 -8.72 21.24
CA ALA A 283 2.22 -9.45 22.01
C ALA A 283 0.84 -9.27 21.38
N GLN A 284 -0.07 -10.17 21.71
CA GLN A 284 -1.44 -10.13 21.21
C GLN A 284 -2.09 -8.80 21.56
N PRO A 285 -2.59 -8.08 20.54
CA PRO A 285 -3.28 -6.82 20.83
C PRO A 285 -4.65 -7.00 21.50
N ALA A 286 -5.16 -5.92 22.08
CA ALA A 286 -6.36 -5.98 22.93
C ALA A 286 -7.57 -6.64 22.25
N PHE A 287 -7.85 -6.23 21.00
CA PHE A 287 -9.08 -6.63 20.31
C PHE A 287 -8.91 -7.76 19.29
N ALA A 288 -7.73 -8.39 19.27
CA ALA A 288 -7.48 -9.48 18.32
C ALA A 288 -7.92 -10.79 18.95
N PRO A 289 -8.88 -11.48 18.31
CA PRO A 289 -9.14 -12.84 18.80
C PRO A 289 -7.90 -13.72 18.62
N LYS A 290 -7.88 -14.87 19.28
CA LYS A 290 -6.74 -15.76 19.22
C LYS A 290 -6.43 -16.19 17.78
N ASN A 291 -7.46 -16.56 17.04
CA ASN A 291 -7.30 -16.94 15.64
C ASN A 291 -6.58 -15.88 14.81
N ILE A 292 -6.86 -14.61 15.06
CA ILE A 292 -6.21 -13.52 14.30
C ILE A 292 -4.77 -13.32 14.72
N TYR A 293 -4.49 -13.50 16.01
CA TYR A 293 -3.13 -13.41 16.51
C TYR A 293 -2.30 -14.53 15.92
N SER A 294 -2.86 -15.74 15.90
CA SER A 294 -2.21 -16.88 15.25
C SER A 294 -1.86 -16.60 13.79
N ILE A 295 -2.79 -15.97 13.07
CA ILE A 295 -2.52 -15.56 11.69
C ILE A 295 -1.36 -14.55 11.67
N MET A 296 -1.37 -13.60 12.61
CA MET A 296 -0.28 -12.64 12.75
C MET A 296 1.04 -13.38 12.92
N GLN A 297 1.08 -14.28 13.88
CA GLN A 297 2.32 -15.00 14.22
C GLN A 297 2.86 -15.80 13.06
N ALA A 298 1.98 -16.38 12.26
CA ALA A 298 2.41 -17.16 11.09
C ALA A 298 2.97 -16.22 10.02
N CYS A 299 2.44 -15.00 9.93
CA CYS A 299 3.00 -14.02 9.01
C CYS A 299 4.38 -13.58 9.44
N TRP A 300 4.69 -13.75 10.73
CA TRP A 300 5.98 -13.37 11.28
C TRP A 300 6.95 -14.56 11.39
N ALA A 301 6.77 -15.57 10.54
CA ALA A 301 7.77 -16.65 10.43
C ALA A 301 9.03 -16.08 9.77
N LEU A 302 10.19 -16.47 10.27
CA LEU A 302 11.47 -15.94 9.79
C LEU A 302 11.79 -16.43 8.37
N GLU A 303 11.34 -17.65 8.07
CA GLU A 303 11.44 -18.20 6.72
C GLU A 303 10.24 -17.74 5.89
N PRO A 304 10.49 -16.94 4.84
CA PRO A 304 9.37 -16.41 4.04
C PRO A 304 8.40 -17.47 3.48
N THR A 305 8.92 -18.62 3.07
CA THR A 305 8.07 -19.69 2.53
C THR A 305 7.22 -20.42 3.60
N HIS A 306 7.54 -20.24 4.87
CA HIS A 306 6.70 -20.74 5.97
C HIS A 306 5.54 -19.78 6.30
N ARG A 307 5.56 -18.57 5.77
CA ARG A 307 4.43 -17.67 5.92
C ARG A 307 3.31 -18.08 4.98
N PRO A 308 2.07 -17.81 5.38
CA PRO A 308 0.97 -18.13 4.50
C PRO A 308 0.96 -17.23 3.28
N THR A 309 0.27 -17.63 2.22
CA THR A 309 0.07 -16.78 1.06
C THR A 309 -1.13 -15.84 1.30
N PHE A 310 -1.16 -14.71 0.59
CA PHE A 310 -2.29 -13.79 0.66
C PHE A 310 -3.61 -14.50 0.30
N GLN A 311 -3.57 -15.45 -0.63
CA GLN A 311 -4.80 -16.18 -0.97
C GLN A 311 -5.27 -17.03 0.21
N GLN A 312 -4.36 -17.71 0.88
CA GLN A 312 -4.70 -18.48 2.08
C GLN A 312 -5.29 -17.56 3.15
N ILE A 313 -4.70 -16.38 3.31
CA ILE A 313 -5.19 -15.41 4.29
C ILE A 313 -6.60 -14.95 3.98
N CYS A 314 -6.92 -14.80 2.69
CA CYS A 314 -8.29 -14.51 2.26
C CYS A 314 -9.26 -15.62 2.69
N SER A 315 -8.83 -16.88 2.58
CA SER A 315 -9.65 -18.00 3.03
C SER A 315 -9.87 -17.97 4.55
N PHE A 316 -8.84 -17.57 5.30
CA PHE A 316 -8.95 -17.55 6.77
C PHE A 316 -9.94 -16.48 7.25
N LEU A 317 -9.87 -15.29 6.65
CA LEU A 317 -10.66 -14.16 7.10
C LEU A 317 -12.08 -14.19 6.54
N GLN A 318 -12.28 -14.84 5.39
CA GLN A 318 -13.63 -15.07 4.86
C GLN A 318 -14.47 -15.95 5.79
N GLU A 319 -13.80 -16.78 6.59
CA GLU A 319 -14.48 -17.72 7.50
C GLU A 319 -14.65 -17.15 8.92
N GLN A 320 -13.68 -16.36 9.38
CA GLN A 320 -13.82 -15.67 10.66
C GLN A 320 -14.98 -14.66 10.60
#